data_9NYT
#
_entry.id   9NYT
#
_cell.length_a   66.670
_cell.length_b   74.256
_cell.length_c   79.653
_cell.angle_alpha   90.00
_cell.angle_beta   90.00
_cell.angle_gamma   90.00
#
_symmetry.space_group_name_H-M   'P 21 21 21'
#
loop_
_entity.id
_entity.type
_entity.pdbx_description
1 polymer 'Mitogen-activated protein kinase 14'
2 non-polymer 4-[3-(4-FLUOROPHENYL)-1H-PYRAZOL-4-YL]PYRIDINE
3 non-polymer (3P)-3-(naphthalen-2-yl)-6-(piperazin-1-yl)-4-(pyridin-4-yl)pyridazine
4 non-polymer 'ETHANEPEROXOIC ACID'
5 non-polymer 'ZINC ION'
6 water water
#
_entity_poly.entity_id   1
_entity_poly.type   'polypeptide(L)'
_entity_poly.pdbx_seq_one_letter_code
;MHHHHHHSSGVDLGTENLYFQSNAMSQERPTFYRQELNKTIWEVPERYQNLSPVGSGAYGSVCAAFDTKTGLRVAVKKLS
RPFQSIIHAKRTYRELRLLKHMKHENVIGLLDVFTPARSLEEFNDVYLVTHLMGADLNNIVKCQKLTDDHVQFLIYQILR
GLKYIHSADIIHRDLKPSNLAVNEDCELKILDFGLARHTDDEMTGYVATRWYRAPEIMLNWMHYNQTVDIWSVGCIMAEL
LTGRTLFPGTDHIDQLKLILRLVGTPGAELLKKISSESARNYIQSLTQMPKMNFANVFIGANPLAVDLLEKMLVLDSDKR
ITAAQALAHAYFAQYHDPDDEPVADPYDQSFESRDLLIDEWKSLTYDEVISFVPPPLDQEEMES
;
_entity_poly.pdbx_strand_id   A
#
# COMPACT_ATOMS: atom_id res chain seq x y z
N ARG A 29 -27.55 -17.34 8.56
CA ARG A 29 -27.55 -15.88 8.50
C ARG A 29 -27.60 -15.27 9.90
N PRO A 30 -26.73 -14.30 10.15
CA PRO A 30 -26.74 -13.62 11.45
C PRO A 30 -27.97 -12.72 11.60
N THR A 31 -28.12 -12.19 12.81
CA THR A 31 -29.14 -11.20 13.12
C THR A 31 -28.51 -9.81 13.03
N PHE A 32 -29.11 -8.94 12.23
CA PHE A 32 -28.59 -7.60 11.98
C PHE A 32 -29.31 -6.58 12.84
N TYR A 33 -28.65 -5.44 13.05
CA TYR A 33 -29.27 -4.32 13.74
C TYR A 33 -28.76 -3.02 13.12
N ARG A 34 -29.65 -2.03 13.02
CA ARG A 34 -29.39 -0.79 12.33
C ARG A 34 -29.01 0.32 13.32
N GLN A 35 -28.31 1.32 12.79
CA GLN A 35 -27.82 2.43 13.60
C GLN A 35 -27.24 3.49 12.68
N GLU A 36 -27.40 4.75 13.08
CA GLU A 36 -26.86 5.88 12.35
C GLU A 36 -25.75 6.52 13.17
N LEU A 37 -24.68 6.91 12.49
CA LEU A 37 -23.58 7.59 13.15
C LEU A 37 -22.78 8.37 12.12
N ASN A 38 -22.54 9.65 12.40
CA ASN A 38 -21.86 10.55 11.46
C ASN A 38 -22.61 10.61 10.12
N LYS A 39 -23.94 10.68 10.20
CA LYS A 39 -24.81 10.76 9.03
C LYS A 39 -24.92 9.41 8.32
N THR A 40 -23.80 8.72 8.15
CA THR A 40 -23.81 7.44 7.43
C THR A 40 -24.54 6.38 8.24
N ILE A 41 -25.29 5.53 7.55
CA ILE A 41 -26.09 4.48 8.17
C ILE A 41 -25.30 3.19 8.17
N TRP A 42 -25.44 2.41 9.25
CA TRP A 42 -24.70 1.18 9.45
C TRP A 42 -25.65 0.07 9.91
N GLU A 43 -25.66 -1.04 9.18
CA GLU A 43 -26.45 -2.21 9.52
C GLU A 43 -25.52 -3.42 9.53
N VAL A 44 -25.21 -3.92 10.72
CA VAL A 44 -24.17 -4.95 10.87
C VAL A 44 -24.72 -6.09 11.71
N PRO A 45 -24.14 -7.28 11.58
CA PRO A 45 -24.56 -8.40 12.43
C PRO A 45 -24.32 -8.08 13.90
N GLU A 46 -25.13 -8.71 14.76
CA GLU A 46 -25.07 -8.36 16.18
C GLU A 46 -23.76 -8.77 16.84
N ARG A 47 -22.98 -9.65 16.21
CA ARG A 47 -21.70 -10.03 16.80
C ARG A 47 -20.78 -8.83 16.97
N TYR A 48 -20.91 -7.82 16.11
CA TYR A 48 -20.09 -6.62 16.18
C TYR A 48 -20.83 -5.56 16.99
N GLN A 49 -20.26 -5.20 18.15
CA GLN A 49 -20.89 -4.28 19.08
C GLN A 49 -20.03 -3.04 19.28
N ASN A 50 -20.61 -2.03 19.94
CA ASN A 50 -19.83 -0.82 20.31
C ASN A 50 -19.14 -0.21 19.09
N LEU A 51 -19.91 0.12 18.05
CA LEU A 51 -19.33 0.79 16.89
C LEU A 51 -19.05 2.24 17.20
N SER A 52 -17.87 2.73 16.79
CA SER A 52 -17.51 4.13 16.96
C SER A 52 -16.68 4.57 15.75
N PRO A 53 -17.01 5.71 15.14
CA PRO A 53 -16.28 6.13 13.95
C PRO A 53 -14.79 6.33 14.22
N VAL A 54 -13.97 5.94 13.25
CA VAL A 54 -12.52 5.97 13.40
C VAL A 54 -11.90 6.93 12.40
N GLY A 55 -12.50 7.03 11.22
CA GLY A 55 -11.97 7.88 10.17
C GLY A 55 -12.50 7.51 8.80
N SER A 56 -12.81 8.51 7.99
CA SER A 56 -13.42 8.29 6.69
C SER A 56 -12.75 9.14 5.63
N GLY A 57 -12.40 8.53 4.52
CA GLY A 57 -11.88 9.24 3.37
C GLY A 57 -12.73 9.01 2.14
N ALA A 58 -12.12 9.05 0.96
CA ALA A 58 -12.89 8.83 -0.27
C ALA A 58 -13.24 7.36 -0.45
N TYR A 59 -12.43 6.47 0.12
CA TYR A 59 -12.67 5.03 0.02
C TYR A 59 -13.99 4.66 0.65
N GLY A 60 -14.11 4.84 1.97
CA GLY A 60 -15.33 4.54 2.67
C GLY A 60 -15.25 5.05 4.09
N SER A 61 -16.18 4.57 4.91
CA SER A 61 -16.24 4.94 6.31
C SER A 61 -15.83 3.75 7.17
N VAL A 62 -15.02 4.02 8.19
CA VAL A 62 -14.46 2.99 9.06
C VAL A 62 -14.99 3.20 10.47
N CYS A 63 -15.42 2.11 11.10
CA CYS A 63 -15.79 2.11 12.51
C CYS A 63 -14.92 1.13 13.26
N ALA A 64 -14.55 1.49 14.48
CA ALA A 64 -14.00 0.51 15.42
C ALA A 64 -15.15 -0.19 16.12
N ALA A 65 -15.02 -1.50 16.29
CA ALA A 65 -16.07 -2.29 16.91
C ALA A 65 -15.44 -3.33 17.83
N PHE A 66 -16.28 -3.89 18.69
CA PHE A 66 -15.89 -5.00 19.55
C PHE A 66 -16.54 -6.26 19.00
N ASP A 67 -15.72 -7.24 18.64
CA ASP A 67 -16.20 -8.48 18.05
C ASP A 67 -16.45 -9.49 19.16
N THR A 68 -17.73 -9.76 19.44
CA THR A 68 -18.10 -10.64 20.55
C THR A 68 -17.78 -12.10 20.26
N LYS A 69 -17.67 -12.49 19.00
CA LYS A 69 -17.39 -13.89 18.68
C LYS A 69 -15.95 -14.24 19.01
N THR A 70 -15.02 -13.32 18.76
CA THR A 70 -13.60 -13.57 18.97
C THR A 70 -13.01 -12.80 20.15
N GLY A 71 -13.64 -11.71 20.57
CA GLY A 71 -13.06 -10.87 21.59
C GLY A 71 -12.12 -9.81 21.07
N LEU A 72 -11.96 -9.70 19.76
CA LEU A 72 -11.07 -8.72 19.17
C LEU A 72 -11.79 -7.39 18.96
N ARG A 73 -11.02 -6.31 19.03
CA ARG A 73 -11.46 -5.04 18.48
C ARG A 73 -11.16 -5.03 16.99
N VAL A 74 -12.14 -4.64 16.19
CA VAL A 74 -12.00 -4.69 14.74
C VAL A 74 -12.27 -3.31 14.16
N ALA A 75 -11.85 -3.15 12.90
CA ALA A 75 -12.22 -2.01 12.08
C ALA A 75 -13.19 -2.48 11.01
N VAL A 76 -14.35 -1.84 10.93
CA VAL A 76 -15.38 -2.19 9.97
C VAL A 76 -15.46 -1.07 8.95
N LYS A 77 -15.18 -1.39 7.70
CA LYS A 77 -15.26 -0.44 6.61
C LYS A 77 -16.53 -0.67 5.82
N LYS A 78 -17.35 0.37 5.69
CA LYS A 78 -18.51 0.37 4.82
C LYS A 78 -18.13 1.07 3.52
N LEU A 79 -18.17 0.34 2.42
CA LEU A 79 -17.89 0.94 1.14
C LEU A 79 -18.94 2.01 0.82
N SER A 80 -18.48 3.08 0.19
CA SER A 80 -19.34 4.21 -0.18
C SER A 80 -19.67 4.14 -1.65
N ARG A 81 -20.96 4.20 -1.98
CA ARG A 81 -21.44 4.15 -3.36
C ARG A 81 -20.77 3.02 -4.14
N PRO A 82 -20.80 1.78 -3.63
CA PRO A 82 -20.02 0.70 -4.26
C PRO A 82 -20.42 0.41 -5.70
N PHE A 83 -21.61 0.80 -6.13
CA PHE A 83 -22.10 0.46 -7.46
C PHE A 83 -22.69 1.69 -8.14
N GLN A 84 -22.04 2.85 -7.91
CA GLN A 84 -22.48 4.11 -8.48
C GLN A 84 -22.19 4.22 -9.97
N SER A 85 -21.23 3.45 -10.47
CA SER A 85 -20.86 3.45 -11.88
C SER A 85 -20.10 2.17 -12.16
N ILE A 86 -19.90 1.89 -13.46
CA ILE A 86 -19.07 0.74 -13.81
C ILE A 86 -17.69 0.86 -13.18
N ILE A 87 -17.18 2.10 -13.09
CA ILE A 87 -15.89 2.31 -12.45
C ILE A 87 -15.94 1.89 -10.98
N HIS A 88 -16.97 2.34 -10.27
CA HIS A 88 -17.10 1.98 -8.85
C HIS A 88 -17.29 0.48 -8.68
N ALA A 89 -18.19 -0.12 -9.48
CA ALA A 89 -18.50 -1.53 -9.31
C ALA A 89 -17.29 -2.40 -9.57
N LYS A 90 -16.54 -2.10 -10.63
CA LYS A 90 -15.30 -2.84 -10.89
C LYS A 90 -14.30 -2.65 -9.76
N ARG A 91 -14.14 -1.41 -9.30
CA ARG A 91 -13.27 -1.15 -8.16
C ARG A 91 -13.71 -1.95 -6.94
N THR A 92 -15.01 -1.99 -6.67
CA THR A 92 -15.51 -2.75 -5.54
C THR A 92 -15.15 -4.23 -5.69
N TYR A 93 -15.38 -4.79 -6.87
CA TYR A 93 -15.01 -6.18 -7.12
C TYR A 93 -13.51 -6.39 -6.95
N ARG A 94 -12.70 -5.50 -7.53
CA ARG A 94 -11.25 -5.63 -7.43
C ARG A 94 -10.80 -5.60 -5.98
N GLU A 95 -11.34 -4.66 -5.19
CA GLU A 95 -10.97 -4.58 -3.78
C GLU A 95 -11.29 -5.86 -3.04
N LEU A 96 -12.50 -6.39 -3.23
CA LEU A 96 -12.89 -7.61 -2.52
C LEU A 96 -12.06 -8.80 -2.97
N ARG A 97 -11.77 -8.91 -4.27
CA ARG A 97 -10.93 -10.00 -4.75
C ARG A 97 -9.55 -9.94 -4.13
N LEU A 98 -8.94 -8.74 -4.12
CA LEU A 98 -7.62 -8.59 -3.52
C LEU A 98 -7.65 -8.96 -2.04
N LEU A 99 -8.57 -8.35 -1.28
CA LEU A 99 -8.59 -8.56 0.17
C LEU A 99 -8.79 -10.03 0.53
N LYS A 100 -9.61 -10.75 -0.24
CA LYS A 100 -9.80 -12.17 0.02
C LYS A 100 -8.55 -12.99 -0.27
N HIS A 101 -7.66 -12.50 -1.13
CA HIS A 101 -6.47 -13.25 -1.49
C HIS A 101 -5.32 -13.00 -0.50
N MET A 102 -5.25 -11.81 0.08
CA MET A 102 -4.12 -11.43 0.92
C MET A 102 -4.19 -12.17 2.24
N LYS A 103 -3.19 -13.01 2.53
CA LYS A 103 -3.11 -13.76 3.79
C LYS A 103 -1.65 -13.73 4.25
N HIS A 104 -1.28 -12.62 4.91
CA HIS A 104 0.10 -12.36 5.27
C HIS A 104 0.12 -11.40 6.45
N GLU A 105 1.07 -11.60 7.37
CA GLU A 105 1.06 -10.86 8.62
C GLU A 105 1.28 -9.36 8.41
N ASN A 106 1.95 -8.98 7.33
CA ASN A 106 2.28 -7.58 7.06
C ASN A 106 1.40 -6.99 5.96
N VAL A 107 0.30 -7.64 5.62
CA VAL A 107 -0.66 -7.14 4.65
C VAL A 107 -2.04 -7.17 5.29
N ILE A 108 -2.79 -6.07 5.15
CA ILE A 108 -4.12 -6.01 5.72
C ILE A 108 -4.99 -7.13 5.14
N GLY A 109 -5.72 -7.82 6.02
CA GLY A 109 -6.47 -8.99 5.62
C GLY A 109 -7.91 -8.93 6.10
N LEU A 110 -8.70 -9.88 5.61
CA LEU A 110 -10.15 -9.92 5.84
C LEU A 110 -10.47 -10.89 6.97
N LEU A 111 -11.03 -10.36 8.05
CA LEU A 111 -11.63 -11.22 9.07
C LEU A 111 -13.05 -11.62 8.69
N ASP A 112 -13.73 -10.80 7.89
CA ASP A 112 -15.12 -11.00 7.56
C ASP A 112 -15.57 -10.00 6.51
N VAL A 113 -16.55 -10.39 5.69
CA VAL A 113 -17.20 -9.49 4.74
C VAL A 113 -18.68 -9.87 4.71
N PHE A 114 -19.55 -8.88 4.75
CA PHE A 114 -20.97 -9.16 4.88
C PHE A 114 -21.79 -8.06 4.22
N THR A 115 -23.04 -8.39 3.91
CA THR A 115 -24.03 -7.45 3.43
C THR A 115 -25.35 -7.75 4.13
N PRO A 116 -26.11 -6.73 4.51
CA PRO A 116 -27.42 -6.99 5.11
C PRO A 116 -28.43 -7.56 4.12
N ALA A 117 -28.20 -7.40 2.82
CA ALA A 117 -29.16 -7.87 1.83
C ALA A 117 -29.27 -9.39 1.86
N ARG A 118 -30.50 -9.87 1.72
CA ARG A 118 -30.78 -11.31 1.70
C ARG A 118 -30.76 -11.90 0.31
N SER A 119 -30.67 -11.07 -0.73
CA SER A 119 -30.68 -11.55 -2.10
C SER A 119 -29.86 -10.61 -2.97
N LEU A 120 -29.52 -11.09 -4.18
CA LEU A 120 -28.83 -10.24 -5.13
C LEU A 120 -29.66 -9.02 -5.51
N GLU A 121 -30.98 -9.14 -5.47
CA GLU A 121 -31.83 -8.06 -5.94
C GLU A 121 -31.76 -6.85 -5.00
N GLU A 122 -31.71 -7.08 -3.70
CA GLU A 122 -31.59 -5.99 -2.74
C GLU A 122 -30.15 -5.62 -2.42
N PHE A 123 -29.19 -6.46 -2.82
CA PHE A 123 -27.77 -6.21 -2.58
C PHE A 123 -27.35 -4.83 -3.03
N ASN A 124 -26.85 -4.01 -2.11
CA ASN A 124 -26.34 -2.67 -2.48
C ASN A 124 -25.29 -2.15 -1.49
N ASP A 125 -24.99 -2.90 -0.43
CA ASP A 125 -24.03 -2.44 0.58
C ASP A 125 -23.03 -3.55 0.85
N VAL A 126 -21.78 -3.15 1.10
CA VAL A 126 -20.68 -4.09 1.32
C VAL A 126 -19.88 -3.61 2.51
N TYR A 127 -19.76 -4.45 3.54
CA TYR A 127 -18.96 -4.15 4.72
C TYR A 127 -17.76 -5.08 4.79
N LEU A 128 -16.61 -4.54 5.18
CA LEU A 128 -15.39 -5.30 5.35
C LEU A 128 -14.91 -5.17 6.79
N VAL A 129 -14.32 -6.24 7.31
CA VAL A 129 -13.88 -6.30 8.70
C VAL A 129 -12.43 -6.76 8.76
N THR A 130 -11.62 -6.05 9.55
CA THR A 130 -10.23 -6.42 9.77
C THR A 130 -9.85 -6.07 11.20
N HIS A 131 -8.69 -6.58 11.62
CA HIS A 131 -8.17 -6.24 12.94
C HIS A 131 -8.04 -4.73 13.09
N LEU A 132 -8.41 -4.21 14.24
CA LEU A 132 -8.26 -2.79 14.50
C LEU A 132 -6.77 -2.44 14.62
N MET A 133 -6.34 -1.43 13.87
CA MET A 133 -4.97 -0.94 13.90
C MET A 133 -4.96 0.45 14.50
N GLY A 134 -4.05 0.67 15.45
CA GLY A 134 -4.00 1.93 16.18
C GLY A 134 -3.74 3.16 15.33
N ALA A 135 -2.61 3.20 14.65
CA ALA A 135 -2.17 4.39 13.93
C ALA A 135 -1.61 3.99 12.57
N ASP A 136 -1.11 4.98 11.85
CA ASP A 136 -0.36 4.77 10.62
C ASP A 136 1.03 5.36 10.77
N LEU A 137 1.92 4.95 9.87
CA LEU A 137 3.32 5.37 9.95
C LEU A 137 3.47 6.89 9.88
N ASN A 138 2.48 7.60 9.33
CA ASN A 138 2.55 9.05 9.27
C ASN A 138 2.44 9.68 10.65
N ASN A 139 1.51 9.17 11.47
CA ASN A 139 1.36 9.68 12.83
C ASN A 139 2.57 9.37 13.70
N ILE A 140 3.33 8.33 13.35
CA ILE A 140 4.48 7.94 14.17
C ILE A 140 5.71 8.76 13.81
N VAL A 141 5.98 8.93 12.52
CA VAL A 141 7.13 9.74 12.10
C VAL A 141 6.93 11.19 12.53
N LYS A 142 5.70 11.68 12.45
CA LYS A 142 5.41 13.06 12.81
C LYS A 142 5.38 13.30 14.30
N CYS A 143 5.26 12.23 15.10
CA CYS A 143 5.13 12.35 16.54
C CYS A 143 6.42 12.08 17.32
N GLN A 144 7.47 11.60 16.65
CA GLN A 144 8.71 11.29 17.33
C GLN A 144 9.77 10.96 16.29
N LYS A 145 11.03 11.05 16.71
CA LYS A 145 12.16 10.62 15.89
C LYS A 145 12.51 9.18 16.24
N LEU A 146 12.73 8.36 15.22
CA LEU A 146 12.91 6.93 15.41
C LEU A 146 14.38 6.55 15.39
N THR A 147 14.78 5.70 16.33
CA THR A 147 16.13 5.18 16.34
C THR A 147 16.34 4.24 15.16
N ASP A 148 17.62 4.00 14.83
CA ASP A 148 17.93 3.15 13.69
C ASP A 148 17.35 1.75 13.84
N ASP A 149 17.16 1.29 15.07
CA ASP A 149 16.64 -0.09 15.28
C ASP A 149 15.16 -0.14 14.91
N HIS A 150 14.40 0.90 15.24
CA HIS A 150 12.96 0.96 14.88
C HIS A 150 12.84 1.00 13.35
N VAL A 151 13.69 1.79 12.70
CA VAL A 151 13.64 1.90 11.21
C VAL A 151 13.84 0.49 10.62
N GLN A 152 14.80 -0.26 11.17
CA GLN A 152 15.07 -1.63 10.69
C GLN A 152 13.79 -2.46 10.74
N PHE A 153 13.11 -2.51 11.89
CA PHE A 153 11.93 -3.34 12.04
C PHE A 153 10.80 -2.87 11.13
N LEU A 154 10.55 -1.56 11.11
CA LEU A 154 9.47 -1.03 10.29
C LEU A 154 9.70 -1.30 8.82
N ILE A 155 10.88 -0.95 8.31
CA ILE A 155 11.16 -1.17 6.90
C ILE A 155 11.21 -2.67 6.59
N TYR A 156 11.72 -3.47 7.52
CA TYR A 156 11.72 -4.92 7.31
C TYR A 156 10.31 -5.42 7.06
N GLN A 157 9.36 -4.96 7.88
CA GLN A 157 7.98 -5.43 7.76
C GLN A 157 7.37 -5.02 6.42
N ILE A 158 7.63 -3.78 5.97
CA ILE A 158 7.15 -3.35 4.67
C ILE A 158 7.69 -4.26 3.58
N LEU A 159 8.99 -4.55 3.63
CA LEU A 159 9.62 -5.36 2.59
C LEU A 159 9.11 -6.79 2.62
N ARG A 160 8.85 -7.32 3.81
CA ARG A 160 8.30 -8.66 3.92
C ARG A 160 6.91 -8.73 3.28
N GLY A 161 6.06 -7.76 3.57
CA GLY A 161 4.76 -7.72 2.92
C GLY A 161 4.86 -7.46 1.43
N LEU A 162 5.79 -6.61 1.01
N LEU A 162 5.79 -6.60 1.02
CA LEU A 162 5.93 -6.30 -0.40
CA LEU A 162 5.93 -6.29 -0.40
C LEU A 162 6.39 -7.52 -1.20
C LEU A 162 6.39 -7.52 -1.19
N LYS A 163 7.28 -8.33 -0.62
CA LYS A 163 7.71 -9.55 -1.30
C LYS A 163 6.51 -10.46 -1.55
N TYR A 164 5.61 -10.56 -0.58
CA TYR A 164 4.40 -11.37 -0.75
C TYR A 164 3.50 -10.78 -1.82
N ILE A 165 3.24 -9.48 -1.74
CA ILE A 165 2.39 -8.83 -2.73
C ILE A 165 2.97 -9.01 -4.13
N HIS A 166 4.26 -8.68 -4.30
CA HIS A 166 4.87 -8.75 -5.61
C HIS A 166 4.92 -10.18 -6.15
N SER A 167 5.03 -11.17 -5.26
CA SER A 167 5.07 -12.56 -5.72
C SER A 167 3.77 -12.96 -6.40
N ALA A 168 2.66 -12.29 -6.11
CA ALA A 168 1.38 -12.55 -6.74
C ALA A 168 1.20 -11.76 -8.04
N ASP A 169 2.24 -11.07 -8.50
CA ASP A 169 2.15 -10.22 -9.69
C ASP A 169 1.24 -9.02 -9.44
N ILE A 170 1.32 -8.46 -8.24
CA ILE A 170 0.52 -7.30 -7.83
C ILE A 170 1.47 -6.16 -7.49
N ILE A 171 1.16 -4.98 -8.00
CA ILE A 171 1.89 -3.74 -7.67
C ILE A 171 1.01 -2.89 -6.77
N HIS A 172 1.59 -2.36 -5.70
CA HIS A 172 0.83 -1.47 -4.83
C HIS A 172 0.58 -0.13 -5.51
N ARG A 173 1.64 0.51 -6.00
CA ARG A 173 1.54 1.74 -6.79
C ARG A 173 1.41 3.01 -5.95
N ASP A 174 0.98 2.89 -4.70
CA ASP A 174 0.71 4.09 -3.90
C ASP A 174 1.21 3.92 -2.47
N LEU A 175 2.35 3.24 -2.30
CA LEU A 175 2.96 3.13 -0.98
C LEU A 175 3.31 4.53 -0.45
N LYS A 176 2.89 4.82 0.78
CA LYS A 176 3.31 6.02 1.47
C LYS A 176 3.00 5.84 2.95
N PRO A 177 3.57 6.69 3.81
CA PRO A 177 3.42 6.48 5.26
C PRO A 177 1.97 6.34 5.72
N SER A 178 1.06 7.16 5.20
CA SER A 178 -0.34 7.06 5.65
C SER A 178 -1.04 5.80 5.16
N ASN A 179 -0.39 4.99 4.33
CA ASN A 179 -0.95 3.72 3.87
C ASN A 179 -0.37 2.54 4.63
N LEU A 180 0.37 2.78 5.71
CA LEU A 180 0.99 1.73 6.51
C LEU A 180 0.40 1.79 7.91
N ALA A 181 -0.40 0.80 8.25
CA ALA A 181 -0.98 0.71 9.59
C ALA A 181 0.02 0.12 10.57
N VAL A 182 0.16 0.75 11.73
CA VAL A 182 1.04 0.29 12.78
C VAL A 182 0.27 0.36 14.10
N ASN A 183 0.51 -0.60 14.99
CA ASN A 183 -0.10 -0.59 16.31
C ASN A 183 0.97 -0.35 17.37
N GLU A 184 0.53 -0.28 18.63
CA GLU A 184 1.43 0.03 19.72
C GLU A 184 2.54 -1.01 19.88
N ASP A 185 2.38 -2.19 19.30
CA ASP A 185 3.41 -3.21 19.24
C ASP A 185 4.45 -2.94 18.17
N CYS A 186 4.26 -1.89 17.37
CA CYS A 186 5.11 -1.59 16.22
CA CYS A 186 5.12 -1.59 16.22
C CYS A 186 4.99 -2.64 15.13
N GLU A 187 3.94 -3.45 15.17
CA GLU A 187 3.65 -4.36 14.07
C GLU A 187 2.97 -3.57 12.95
N LEU A 188 3.34 -3.88 11.71
CA LEU A 188 2.97 -3.06 10.57
C LEU A 188 2.23 -3.88 9.54
N LYS A 189 1.24 -3.28 8.90
CA LYS A 189 0.48 -3.90 7.83
C LYS A 189 0.29 -2.93 6.68
N ILE A 190 0.52 -3.42 5.46
CA ILE A 190 0.28 -2.62 4.27
C ILE A 190 -1.21 -2.52 4.00
N LEU A 191 -1.66 -1.32 3.67
CA LEU A 191 -3.04 -1.04 3.32
C LEU A 191 -3.11 -0.58 1.88
N ASP A 192 -4.28 -0.77 1.27
CA ASP A 192 -4.67 -0.16 -0.01
C ASP A 192 -4.07 -0.85 -1.23
N PHE A 193 -3.24 -1.88 -1.07
CA PHE A 193 -2.63 -2.59 -2.19
C PHE A 193 -3.57 -2.74 -3.39
N ALA A 208 0.84 14.51 0.32
CA ALA A 208 0.87 14.30 -1.13
C ALA A 208 1.46 12.94 -1.47
N THR A 209 0.73 12.17 -2.29
CA THR A 209 1.26 10.88 -2.73
C THR A 209 2.43 11.06 -3.69
N ARG A 210 2.49 12.19 -4.40
CA ARG A 210 3.55 12.39 -5.38
C ARG A 210 4.93 12.34 -4.75
N TRP A 211 5.04 12.71 -3.47
CA TRP A 211 6.34 12.72 -2.81
C TRP A 211 7.00 11.35 -2.80
N TYR A 212 6.23 10.28 -3.00
CA TYR A 212 6.73 8.91 -2.86
C TYR A 212 6.68 8.10 -4.15
N ARG A 213 6.29 8.71 -5.27
CA ARG A 213 6.12 7.98 -6.52
C ARG A 213 7.44 7.91 -7.27
N ALA A 214 7.67 6.76 -7.92
CA ALA A 214 8.88 6.57 -8.70
C ALA A 214 8.96 7.59 -9.82
N PRO A 215 10.18 7.96 -10.24
CA PRO A 215 10.31 9.00 -11.27
C PRO A 215 9.74 8.59 -12.62
N GLU A 216 9.87 7.32 -13.00
CA GLU A 216 9.32 6.87 -14.28
C GLU A 216 7.82 7.08 -14.36
N ILE A 217 7.13 7.10 -13.21
CA ILE A 217 5.72 7.45 -13.19
C ILE A 217 5.53 8.94 -13.39
N MET A 218 6.31 9.74 -12.65
CA MET A 218 6.37 11.18 -12.84
C MET A 218 6.47 11.53 -14.32
N LEU A 219 7.14 10.67 -15.09
CA LEU A 219 7.35 10.89 -16.51
C LEU A 219 6.32 10.21 -17.38
N ASN A 220 5.39 9.46 -16.80
CA ASN A 220 4.28 8.83 -17.52
C ASN A 220 4.68 7.55 -18.24
N TRP A 221 5.80 6.92 -17.85
CA TRP A 221 6.18 5.67 -18.49
C TRP A 221 5.05 4.66 -18.42
N MET A 222 4.63 4.16 -19.58
CA MET A 222 3.50 3.26 -19.65
C MET A 222 3.81 1.88 -19.09
N HIS A 223 5.08 1.53 -18.94
CA HIS A 223 5.49 0.17 -18.65
C HIS A 223 6.34 0.07 -17.38
N TYR A 224 5.94 0.77 -16.33
CA TYR A 224 6.63 0.61 -15.06
C TYR A 224 6.38 -0.78 -14.49
N ASN A 225 7.28 -1.19 -13.61
CA ASN A 225 7.17 -2.54 -13.00
C ASN A 225 6.96 -2.42 -11.49
N GLN A 226 7.11 -3.52 -10.75
CA GLN A 226 6.89 -3.54 -9.32
C GLN A 226 7.97 -2.77 -8.56
N THR A 227 9.13 -2.52 -9.16
CA THR A 227 10.16 -1.75 -8.48
C THR A 227 9.74 -0.31 -8.21
N VAL A 228 8.62 0.15 -8.78
CA VAL A 228 8.08 1.44 -8.38
C VAL A 228 7.78 1.44 -6.89
N ASP A 229 7.38 0.29 -6.35
CA ASP A 229 7.14 0.20 -4.91
C ASP A 229 8.45 0.27 -4.12
N ILE A 230 9.51 -0.32 -4.66
CA ILE A 230 10.81 -0.22 -4.00
C ILE A 230 11.24 1.23 -3.88
N TRP A 231 11.00 2.02 -4.93
CA TRP A 231 11.32 3.44 -4.86
C TRP A 231 10.58 4.11 -3.72
N SER A 232 9.28 3.81 -3.57
CA SER A 232 8.51 4.41 -2.49
C SER A 232 9.09 4.03 -1.13
N VAL A 233 9.48 2.76 -0.96
CA VAL A 233 10.05 2.33 0.31
C VAL A 233 11.31 3.11 0.63
N GLY A 234 12.16 3.33 -0.37
CA GLY A 234 13.34 4.15 -0.15
C GLY A 234 12.99 5.54 0.36
N CYS A 235 12.03 6.19 -0.30
CA CYS A 235 11.58 7.51 0.16
C CYS A 235 11.07 7.43 1.60
N ILE A 236 10.30 6.40 1.92
CA ILE A 236 9.78 6.24 3.27
C ILE A 236 10.91 6.04 4.27
N MET A 237 11.85 5.14 3.93
CA MET A 237 12.97 4.86 4.84
C MET A 237 13.81 6.10 5.08
N ALA A 238 14.11 6.87 4.03
CA ALA A 238 14.85 8.11 4.22
C ALA A 238 14.15 9.04 5.19
N GLU A 239 12.82 9.10 5.11
CA GLU A 239 12.06 9.99 5.98
C GLU A 239 12.13 9.53 7.44
N LEU A 240 12.08 8.21 7.66
CA LEU A 240 12.19 7.70 9.03
C LEU A 240 13.54 8.04 9.65
N LEU A 241 14.61 7.99 8.85
CA LEU A 241 15.94 8.22 9.38
C LEU A 241 16.18 9.71 9.63
N THR A 242 15.85 10.55 8.66
CA THR A 242 16.11 11.98 8.77
C THR A 242 14.98 12.76 9.44
N GLY A 243 13.76 12.25 9.42
CA GLY A 243 12.63 12.99 9.93
C GLY A 243 12.15 14.10 9.03
N ARG A 244 12.59 14.12 7.78
CA ARG A 244 12.17 15.11 6.79
C ARG A 244 11.78 14.39 5.51
N THR A 245 10.77 14.93 4.83
CA THR A 245 10.42 14.40 3.51
C THR A 245 11.63 14.46 2.60
N LEU A 246 11.89 13.37 1.88
CA LEU A 246 13.07 13.33 1.03
C LEU A 246 12.89 14.20 -0.21
N PHE A 247 11.72 14.11 -0.86
CA PHE A 247 11.42 14.86 -2.08
C PHE A 247 10.08 15.56 -1.94
N PRO A 248 10.04 16.71 -1.24
CA PRO A 248 8.76 17.42 -1.07
C PRO A 248 8.42 18.34 -2.24
N GLY A 249 8.15 17.74 -3.38
CA GLY A 249 7.87 18.53 -4.58
C GLY A 249 6.51 19.21 -4.49
N THR A 250 6.45 20.44 -5.02
CA THR A 250 5.22 21.21 -5.07
C THR A 250 4.33 20.80 -6.24
N ASP A 251 4.87 20.10 -7.22
CA ASP A 251 4.10 19.60 -8.36
C ASP A 251 4.95 18.55 -9.06
N HIS A 252 4.39 17.96 -10.11
CA HIS A 252 5.08 16.85 -10.78
C HIS A 252 6.40 17.30 -11.40
N ILE A 253 6.45 18.52 -11.94
CA ILE A 253 7.69 19.01 -12.53
C ILE A 253 8.74 19.24 -11.44
N ASP A 254 8.38 19.97 -10.38
CA ASP A 254 9.31 20.17 -9.28
C ASP A 254 9.66 18.85 -8.60
N GLN A 255 8.71 17.92 -8.53
CA GLN A 255 9.00 16.61 -7.95
C GLN A 255 10.17 15.94 -8.66
N LEU A 256 10.15 15.95 -9.99
CA LEU A 256 11.22 15.31 -10.75
C LEU A 256 12.54 16.07 -10.60
N LYS A 257 12.48 17.40 -10.59
CA LYS A 257 13.69 18.19 -10.36
C LYS A 257 14.38 17.78 -9.08
N LEU A 258 13.61 17.65 -7.99
CA LEU A 258 14.19 17.25 -6.71
C LEU A 258 14.84 15.88 -6.81
N ILE A 259 14.18 14.94 -7.50
CA ILE A 259 14.72 13.58 -7.61
C ILE A 259 16.05 13.61 -8.34
N LEU A 260 16.12 14.29 -9.49
CA LEU A 260 17.35 14.33 -10.26
C LEU A 260 18.46 15.06 -9.52
N ARG A 261 18.11 15.99 -8.64
CA ARG A 261 19.12 16.67 -7.85
C ARG A 261 19.89 15.69 -6.97
N LEU A 262 19.20 14.66 -6.45
CA LEU A 262 19.86 13.69 -5.59
C LEU A 262 20.50 12.55 -6.40
N VAL A 263 19.74 11.92 -7.30
CA VAL A 263 20.23 10.73 -7.99
C VAL A 263 20.92 11.04 -9.31
N GLY A 264 20.86 12.27 -9.79
CA GLY A 264 21.51 12.66 -11.02
C GLY A 264 20.63 12.44 -12.25
N THR A 265 20.97 13.16 -13.31
CA THR A 265 20.26 13.01 -14.57
C THR A 265 20.57 11.64 -15.18
N PRO A 266 19.68 11.14 -16.03
CA PRO A 266 19.86 9.78 -16.57
C PRO A 266 21.20 9.64 -17.30
N GLY A 267 21.82 8.47 -17.11
CA GLY A 267 23.01 8.11 -17.84
C GLY A 267 22.69 7.59 -19.23
N ALA A 268 23.75 7.32 -19.98
CA ALA A 268 23.58 6.90 -21.37
C ALA A 268 22.80 5.58 -21.47
N GLU A 269 23.06 4.64 -20.54
CA GLU A 269 22.36 3.37 -20.59
C GLU A 269 20.86 3.56 -20.33
N LEU A 270 20.51 4.42 -19.38
CA LEU A 270 19.09 4.66 -19.09
C LEU A 270 18.43 5.45 -20.22
N LEU A 271 19.13 6.45 -20.76
CA LEU A 271 18.58 7.22 -21.87
C LEU A 271 18.19 6.33 -23.04
N LYS A 272 19.04 5.36 -23.36
CA LYS A 272 18.75 4.42 -24.44
C LYS A 272 17.46 3.66 -24.24
N LYS A 273 16.88 3.70 -23.04
CA LYS A 273 15.70 2.93 -22.70
C LYS A 273 14.40 3.72 -22.80
N ILE A 274 14.47 5.02 -23.08
CA ILE A 274 13.30 5.89 -23.08
C ILE A 274 12.77 5.96 -24.50
N SER A 275 11.58 5.40 -24.72
CA SER A 275 10.97 5.38 -26.06
C SER A 275 10.19 6.65 -26.37
N SER A 276 9.55 7.25 -25.37
CA SER A 276 8.79 8.48 -25.57
C SER A 276 9.72 9.59 -26.07
N GLU A 277 9.53 10.00 -27.34
CA GLU A 277 10.44 10.97 -27.94
C GLU A 277 10.37 12.33 -27.26
N SER A 278 9.20 12.68 -26.71
CA SER A 278 9.08 13.96 -26.01
C SER A 278 9.79 13.92 -24.66
N ALA A 279 9.67 12.79 -23.94
CA ALA A 279 10.33 12.66 -22.65
C ALA A 279 11.84 12.62 -22.81
N ARG A 280 12.33 11.82 -23.76
CA ARG A 280 13.76 11.83 -24.06
C ARG A 280 14.23 13.24 -24.39
N ASN A 281 13.48 13.94 -25.24
CA ASN A 281 13.84 15.31 -25.60
C ASN A 281 13.89 16.20 -24.35
N TYR A 282 12.89 16.09 -23.49
CA TYR A 282 12.86 16.90 -22.28
C TYR A 282 14.03 16.55 -21.36
N ILE A 283 14.28 15.25 -21.17
CA ILE A 283 15.34 14.82 -20.25
C ILE A 283 16.69 15.30 -20.75
N GLN A 284 16.96 15.12 -22.05
CA GLN A 284 18.24 15.55 -22.58
C GLN A 284 18.39 17.07 -22.60
N SER A 285 17.28 17.80 -22.71
CA SER A 285 17.36 19.26 -22.69
C SER A 285 17.68 19.81 -21.31
N LEU A 286 17.51 19.00 -20.27
CA LEU A 286 17.79 19.45 -18.92
C LEU A 286 19.29 19.62 -18.70
N THR A 287 19.66 20.60 -17.89
CA THR A 287 21.05 20.78 -17.53
C THR A 287 21.53 19.61 -16.69
N GLN A 288 22.71 19.10 -17.01
CA GLN A 288 23.19 17.84 -16.47
C GLN A 288 23.60 17.97 -15.01
N MET A 289 23.01 17.10 -14.16
CA MET A 289 23.24 16.99 -12.73
C MET A 289 24.00 15.70 -12.39
N PRO A 290 24.94 15.75 -11.46
CA PRO A 290 25.64 14.53 -11.04
C PRO A 290 24.91 13.81 -9.92
N LYS A 291 25.23 12.53 -9.77
CA LYS A 291 24.73 11.77 -8.63
C LYS A 291 25.44 12.23 -7.36
N MET A 292 24.65 12.57 -6.34
CA MET A 292 25.22 12.96 -5.07
C MET A 292 25.66 11.74 -4.28
N ASN A 293 26.64 11.94 -3.40
CA ASN A 293 27.09 10.91 -2.49
C ASN A 293 26.11 10.83 -1.33
N PHE A 294 25.33 9.74 -1.21
CA PHE A 294 24.37 9.65 -0.13
C PHE A 294 25.07 9.65 1.23
N ALA A 295 26.30 9.12 1.29
CA ALA A 295 27.02 9.11 2.56
C ALA A 295 27.10 10.50 3.13
N ASN A 296 27.10 11.52 2.27
CA ASN A 296 27.10 12.91 2.73
C ASN A 296 25.68 13.43 2.96
N VAL A 297 24.73 13.06 2.11
CA VAL A 297 23.37 13.57 2.23
C VAL A 297 22.71 13.04 3.51
N PHE A 298 22.95 11.77 3.83
CA PHE A 298 22.39 11.13 5.02
C PHE A 298 23.44 10.99 6.12
N ILE A 299 24.25 12.04 6.31
CA ILE A 299 25.39 11.93 7.21
C ILE A 299 24.93 11.56 8.60
N GLY A 300 25.74 10.73 9.28
CA GLY A 300 25.41 10.22 10.59
C GLY A 300 24.51 9.01 10.61
N ALA A 301 23.80 8.74 9.52
CA ALA A 301 22.95 7.55 9.46
C ALA A 301 23.80 6.28 9.41
N ASN A 302 23.18 5.17 9.76
CA ASN A 302 23.84 3.88 9.72
C ASN A 302 24.38 3.62 8.33
N PRO A 303 25.68 3.38 8.18
CA PRO A 303 26.22 3.14 6.82
C PRO A 303 25.58 1.96 6.11
N LEU A 304 25.03 0.99 6.85
CA LEU A 304 24.29 -0.09 6.19
C LEU A 304 22.95 0.42 5.66
N ALA A 305 22.31 1.34 6.38
CA ALA A 305 21.09 1.96 5.87
C ALA A 305 21.39 2.77 4.62
N VAL A 306 22.47 3.55 4.64
CA VAL A 306 22.84 4.36 3.49
C VAL A 306 23.07 3.49 2.28
N ASP A 307 23.71 2.32 2.47
CA ASP A 307 23.98 1.44 1.34
C ASP A 307 22.68 0.92 0.74
N LEU A 308 21.71 0.57 1.58
CA LEU A 308 20.43 0.07 1.05
C LEU A 308 19.66 1.17 0.34
N LEU A 309 19.71 2.40 0.87
CA LEU A 309 19.06 3.52 0.18
C LEU A 309 19.61 3.69 -1.22
N GLU A 310 20.94 3.69 -1.37
CA GLU A 310 21.58 3.68 -2.69
C GLU A 310 21.02 2.62 -3.61
N LYS A 311 20.66 1.46 -3.10
CA LYS A 311 20.17 0.39 -3.94
C LYS A 311 18.70 0.53 -4.28
N MET A 312 17.93 1.25 -3.47
CA MET A 312 16.52 1.46 -3.72
C MET A 312 16.26 2.71 -4.57
N LEU A 313 16.97 3.80 -4.28
CA LEU A 313 16.76 5.07 -4.97
C LEU A 313 17.61 5.19 -6.23
N VAL A 314 17.52 4.19 -7.10
CA VAL A 314 18.25 4.16 -8.35
C VAL A 314 17.32 4.59 -9.46
N LEU A 315 17.79 5.51 -10.32
CA LEU A 315 16.92 6.09 -11.34
C LEU A 315 16.43 5.02 -12.31
N ASP A 316 17.30 4.12 -12.74
CA ASP A 316 16.95 3.08 -13.70
C ASP A 316 16.23 1.96 -12.95
N SER A 317 14.93 1.80 -13.23
CA SER A 317 14.13 0.82 -12.49
C SER A 317 14.64 -0.60 -12.72
N ASP A 318 15.30 -0.86 -13.84
CA ASP A 318 15.89 -2.19 -14.07
C ASP A 318 16.99 -2.49 -13.07
N LYS A 319 17.56 -1.48 -12.43
CA LYS A 319 18.70 -1.66 -11.54
C LYS A 319 18.35 -1.57 -10.07
N ARG A 320 17.08 -1.30 -9.73
CA ARG A 320 16.69 -1.23 -8.34
C ARG A 320 16.65 -2.62 -7.71
N ILE A 321 16.96 -2.66 -6.40
CA ILE A 321 16.88 -3.91 -5.65
C ILE A 321 15.42 -4.34 -5.52
N THR A 322 15.19 -5.63 -5.65
CA THR A 322 13.85 -6.17 -5.45
C THR A 322 13.55 -6.32 -3.96
N ALA A 323 12.30 -6.61 -3.65
CA ALA A 323 11.91 -6.82 -2.25
C ALA A 323 12.64 -8.01 -1.65
N ALA A 324 12.67 -9.13 -2.38
CA ALA A 324 13.35 -10.32 -1.87
C ALA A 324 14.85 -10.05 -1.66
N GLN A 325 15.49 -9.41 -2.64
CA GLN A 325 16.91 -9.08 -2.49
C GLN A 325 17.12 -8.15 -1.30
N ALA A 326 16.22 -7.18 -1.11
CA ALA A 326 16.37 -6.21 -0.02
C ALA A 326 16.27 -6.89 1.34
N LEU A 327 15.42 -7.91 1.47
CA LEU A 327 15.29 -8.59 2.76
C LEU A 327 16.60 -9.22 3.20
N ALA A 328 17.43 -9.66 2.25
CA ALA A 328 18.70 -10.29 2.55
C ALA A 328 19.82 -9.29 2.79
N HIS A 329 19.52 -8.00 2.78
CA HIS A 329 20.56 -6.99 2.95
C HIS A 329 21.02 -6.94 4.40
N ALA A 330 22.33 -6.79 4.60
CA ALA A 330 22.91 -6.84 5.94
C ALA A 330 22.18 -5.91 6.91
N TYR A 331 21.56 -4.86 6.41
CA TYR A 331 20.83 -3.93 7.27
C TYR A 331 19.78 -4.65 8.12
N PHE A 332 19.22 -5.75 7.61
CA PHE A 332 18.16 -6.47 8.29
C PHE A 332 18.65 -7.78 8.90
N ALA A 333 19.95 -7.89 9.19
CA ALA A 333 20.50 -9.18 9.66
C ALA A 333 19.80 -9.68 10.93
N GLN A 334 19.29 -8.78 11.77
CA GLN A 334 18.70 -9.20 13.07
C GLN A 334 17.23 -9.61 12.90
N TYR A 335 16.67 -9.49 11.70
CA TYR A 335 15.24 -9.82 11.47
C TYR A 335 15.10 -10.80 10.31
N HIS A 336 16.05 -10.79 9.38
CA HIS A 336 15.94 -11.62 8.18
C HIS A 336 15.86 -13.10 8.57
N ASP A 337 14.81 -13.76 8.08
CA ASP A 337 14.66 -15.21 8.23
C ASP A 337 14.18 -15.75 6.88
N PRO A 338 15.08 -16.32 6.08
CA PRO A 338 14.66 -16.77 4.74
C PRO A 338 13.58 -17.83 4.75
N ASP A 339 13.38 -18.52 5.86
CA ASP A 339 12.34 -19.53 5.97
C ASP A 339 11.00 -18.98 6.46
N ASP A 340 10.95 -17.71 6.87
CA ASP A 340 9.72 -17.08 7.33
C ASP A 340 9.44 -15.81 6.56
N GLU A 341 9.67 -15.83 5.24
CA GLU A 341 9.37 -14.71 4.35
C GLU A 341 8.59 -15.28 3.18
N PRO A 342 7.31 -15.57 3.38
CA PRO A 342 6.57 -16.41 2.42
C PRO A 342 6.15 -15.64 1.18
N VAL A 343 5.79 -16.41 0.16
CA VAL A 343 5.25 -15.89 -1.08
C VAL A 343 3.76 -16.21 -1.13
N ALA A 344 3.08 -15.64 -2.12
CA ALA A 344 1.64 -15.76 -2.23
C ALA A 344 1.24 -16.82 -3.24
N ASP A 345 0.02 -17.33 -3.10
CA ASP A 345 -0.57 -18.19 -4.11
C ASP A 345 -0.83 -17.39 -5.38
N PRO A 346 -0.93 -18.07 -6.52
CA PRO A 346 -1.19 -17.34 -7.78
C PRO A 346 -2.49 -16.54 -7.69
N TYR A 347 -2.46 -15.34 -8.25
CA TYR A 347 -3.60 -14.43 -8.21
C TYR A 347 -4.07 -14.16 -9.64
N ASP A 348 -5.30 -14.54 -9.94
CA ASP A 348 -5.86 -14.43 -11.29
C ASP A 348 -6.42 -13.03 -11.48
N GLN A 349 -5.72 -12.21 -12.27
CA GLN A 349 -6.10 -10.83 -12.52
C GLN A 349 -6.79 -10.64 -13.87
N SER A 350 -7.26 -11.73 -14.48
CA SER A 350 -7.77 -11.65 -15.85
C SER A 350 -8.98 -10.71 -15.95
N PHE A 351 -9.80 -10.62 -14.90
CA PHE A 351 -10.99 -9.78 -14.94
C PHE A 351 -10.67 -8.33 -15.29
N GLU A 352 -9.44 -7.89 -15.04
CA GLU A 352 -9.12 -6.47 -15.18
C GLU A 352 -9.35 -5.98 -16.61
N SER A 353 -9.19 -6.85 -17.60
CA SER A 353 -9.37 -6.48 -18.99
C SER A 353 -10.76 -6.80 -19.51
N ARG A 354 -11.74 -6.98 -18.63
CA ARG A 354 -13.08 -7.35 -19.05
C ARG A 354 -14.00 -6.14 -19.03
N ASP A 355 -14.93 -6.12 -19.99
CA ASP A 355 -15.84 -5.01 -20.21
C ASP A 355 -17.25 -5.52 -19.90
N LEU A 356 -17.74 -5.23 -18.70
CA LEU A 356 -18.99 -5.80 -18.21
C LEU A 356 -19.93 -4.69 -17.77
N LEU A 357 -21.21 -5.05 -17.66
CA LEU A 357 -22.23 -4.13 -17.15
C LEU A 357 -22.12 -4.02 -15.63
N ILE A 358 -22.62 -2.91 -15.11
CA ILE A 358 -22.60 -2.69 -13.66
C ILE A 358 -23.24 -3.87 -12.94
N ASP A 359 -24.34 -4.38 -13.49
CA ASP A 359 -25.06 -5.47 -12.83
C ASP A 359 -24.23 -6.75 -12.80
N GLU A 360 -23.35 -6.95 -13.79
CA GLU A 360 -22.51 -8.14 -13.79
C GLU A 360 -21.38 -8.01 -12.78
N TRP A 361 -20.76 -6.83 -12.70
CA TRP A 361 -19.80 -6.60 -11.62
C TRP A 361 -20.49 -6.72 -10.26
N LYS A 362 -21.70 -6.16 -10.14
CA LYS A 362 -22.45 -6.28 -8.90
C LYS A 362 -22.68 -7.74 -8.52
N SER A 363 -23.15 -8.54 -9.47
CA SER A 363 -23.37 -9.96 -9.19
C SER A 363 -22.07 -10.68 -8.83
N LEU A 364 -21.00 -10.41 -9.56
CA LEU A 364 -19.73 -11.05 -9.27
C LEU A 364 -19.24 -10.67 -7.87
N THR A 365 -19.42 -9.41 -7.47
CA THR A 365 -19.10 -9.01 -6.11
C THR A 365 -19.95 -9.78 -5.10
N TYR A 366 -21.25 -9.92 -5.40
CA TYR A 366 -22.14 -10.70 -4.53
C TYR A 366 -21.64 -12.13 -4.38
N ASP A 367 -21.33 -12.78 -5.52
CA ASP A 367 -20.75 -14.12 -5.46
C ASP A 367 -19.56 -14.18 -4.51
N GLU A 368 -18.72 -13.15 -4.53
CA GLU A 368 -17.54 -13.16 -3.67
C GLU A 368 -17.90 -12.93 -2.20
N VAL A 369 -18.95 -12.16 -1.93
CA VAL A 369 -19.41 -12.00 -0.56
C VAL A 369 -19.94 -13.31 -0.01
N ILE A 370 -20.78 -13.99 -0.79
CA ILE A 370 -21.42 -15.22 -0.32
C ILE A 370 -20.39 -16.32 -0.10
N SER A 371 -19.40 -16.41 -0.98
CA SER A 371 -18.45 -17.52 -0.95
C SER A 371 -17.32 -17.33 0.05
N PHE A 372 -17.31 -16.24 0.79
CA PHE A 372 -16.22 -15.99 1.72
C PHE A 372 -16.18 -17.05 2.81
N VAL A 373 -14.97 -17.44 3.19
CA VAL A 373 -14.73 -18.36 4.29
C VAL A 373 -13.78 -17.67 5.27
N PRO A 374 -14.18 -17.42 6.51
CA PRO A 374 -13.32 -16.69 7.44
C PRO A 374 -12.06 -17.49 7.76
N PRO A 375 -10.98 -16.82 8.14
CA PRO A 375 -9.72 -17.51 8.40
C PRO A 375 -9.80 -18.34 9.66
N PRO A 376 -8.80 -19.20 9.90
CA PRO A 376 -8.85 -20.07 11.10
C PRO A 376 -8.68 -19.25 12.36
N LEU A 377 -9.65 -19.37 13.27
CA LEU A 377 -9.65 -18.64 14.52
C LEU A 377 -8.38 -18.90 15.33
#